data_4RSW
#
_entry.id   4RSW
#
_cell.length_a   62.522
_cell.length_b   62.522
_cell.length_c   156.640
_cell.angle_alpha   90.00
_cell.angle_beta   90.00
_cell.angle_gamma   90.00
#
_symmetry.space_group_name_H-M   'P 41'
#
loop_
_entity.id
_entity.type
_entity.pdbx_description
1 polymer HopA1
2 water water
#
_entity_poly.entity_id   1
_entity_poly.type   'polypeptide(L)'
_entity_poly.pdbx_seq_one_letter_code
;RLTSKQTFASFQQWAEKAEALGRDTEIGIY(MSE)IYKRDTPDTTP(MSE)NAAEQEHYLETLQALDNKKNLIIRPQIHD
DREEEELDLGRYIAEDRNARTGFFR(MSE)VPKDQRAPETNSGRLTIGVEPKYGAQLALA(MSE)ATL(MSE)DKHKSVT
QGKVVGPAKYGQQTDSAILYINGDLAKAVKLGEKLKKLSGIPPEGFVEHTPLS(MSE)QSTGLGLSYAESVEGQPSSHGQ
ARTHVI(MSE)DALKGQGP(MSE)ENRLK(MSE)ALAERGYDPENPALRAR
;
_entity_poly.pdbx_strand_id   A,B
#
# COMPACT_ATOMS: atom_id res chain seq x y z
N ARG A 1 25.92 4.39 12.22
CA ARG A 1 24.52 4.81 12.13
C ARG A 1 24.43 6.30 11.81
N LEU A 2 24.88 7.14 12.73
CA LEU A 2 24.68 8.57 12.57
C LEU A 2 25.64 9.22 11.58
N THR A 3 25.53 8.84 10.32
CA THR A 3 26.19 9.57 9.26
C THR A 3 25.16 9.79 8.18
N SER A 4 25.29 10.91 7.47
CA SER A 4 24.32 11.31 6.46
C SER A 4 24.52 10.56 5.15
N LYS A 5 25.67 9.90 5.03
CA LYS A 5 26.03 9.25 3.77
C LYS A 5 25.00 8.23 3.28
N GLN A 6 24.65 7.25 4.11
CA GLN A 6 23.70 6.22 3.71
C GLN A 6 22.31 6.81 3.55
N THR A 7 21.99 7.79 4.38
CA THR A 7 20.66 8.40 4.35
C THR A 7 20.46 9.05 3.01
N PHE A 8 21.42 9.89 2.59
CA PHE A 8 21.28 10.51 1.27
C PHE A 8 21.36 9.46 0.16
N ALA A 9 22.24 8.49 0.34
CA ALA A 9 22.43 7.46 -0.68
C ALA A 9 21.15 6.66 -0.96
N SER A 10 20.40 6.31 0.08
CA SER A 10 19.16 5.56 -0.12
C SER A 10 18.09 6.42 -0.78
N PHE A 11 18.05 7.70 -0.42
CA PHE A 11 17.15 8.66 -1.04
C PHE A 11 17.47 8.80 -2.54
N GLN A 12 18.76 8.88 -2.88
CA GLN A 12 19.12 8.98 -4.29
C GLN A 12 18.76 7.69 -5.03
N GLN A 13 19.00 6.54 -4.39
CA GLN A 13 18.67 5.24 -4.98
C GLN A 13 17.17 5.12 -5.26
N TRP A 14 16.36 5.57 -4.30
CA TRP A 14 14.92 5.63 -4.47
C TRP A 14 14.55 6.49 -5.66
N ALA A 15 15.08 7.71 -5.73
CA ALA A 15 14.73 8.60 -6.83
C ALA A 15 15.24 8.10 -8.18
N GLU A 16 16.45 7.54 -8.22
CA GLU A 16 16.97 6.98 -9.48
C GLU A 16 16.11 5.80 -9.95
N LYS A 17 15.71 4.96 -9.00
CA LYS A 17 14.85 3.81 -9.28
C LYS A 17 13.51 4.24 -9.87
N ALA A 18 12.94 5.32 -9.34
CA ALA A 18 11.68 5.83 -9.89
C ALA A 18 11.88 6.27 -11.32
N GLU A 19 12.96 7.00 -11.59
CA GLU A 19 13.21 7.47 -12.94
C GLU A 19 13.47 6.30 -13.90
N ALA A 20 14.26 5.33 -13.46
CA ALA A 20 14.56 4.15 -14.27
C ALA A 20 13.36 3.24 -14.51
N LEU A 21 12.46 3.16 -13.52
CA LEU A 21 11.22 2.39 -13.68
C LEU A 21 10.21 3.12 -14.56
N GLY A 22 10.37 4.43 -14.69
CA GLY A 22 9.40 5.21 -15.43
C GLY A 22 8.26 5.72 -14.58
N ARG A 23 8.39 5.63 -13.25
CA ARG A 23 7.34 6.16 -12.38
C ARG A 23 7.37 7.69 -12.37
N ASP A 24 6.21 8.30 -12.57
CA ASP A 24 6.12 9.76 -12.63
C ASP A 24 4.88 10.31 -11.89
N THR A 25 4.31 9.51 -11.00
CA THR A 25 3.20 9.99 -10.16
C THR A 25 3.56 9.88 -8.68
N GLU A 26 2.85 10.61 -7.84
CA GLU A 26 3.10 10.57 -6.40
C GLU A 26 2.92 9.16 -5.87
N ILE A 27 1.83 8.52 -6.29
CA ILE A 27 1.57 7.15 -5.82
C ILE A 27 2.65 6.19 -6.28
N GLY A 28 3.07 6.30 -7.54
CA GLY A 28 4.08 5.40 -8.11
C GLY A 28 5.43 5.53 -7.45
N ILE A 29 5.83 6.77 -7.16
CA ILE A 29 7.08 7.01 -6.44
C ILE A 29 6.98 6.47 -5.01
N TYR A 30 5.88 6.79 -4.35
CA TYR A 30 5.68 6.38 -2.96
C TYR A 30 5.74 4.87 -2.77
N ILE A 32 7.48 2.64 -4.21
CA ILE A 32 8.85 2.13 -4.18
C ILE A 32 9.36 2.17 -2.74
N TYR A 33 9.09 3.26 -2.05
CA TYR A 33 9.43 3.40 -0.64
C TYR A 33 8.62 2.45 0.22
N LYS A 34 7.32 2.39 -0.04
CA LYS A 34 6.41 1.64 0.86
C LYS A 34 6.57 0.12 0.75
N ARG A 35 6.73 -0.40 -0.47
CA ARG A 35 6.71 -1.85 -0.67
C ARG A 35 8.09 -2.51 -0.53
N ASP A 36 9.04 -1.71 -0.08
CA ASP A 36 10.39 -2.16 0.20
C ASP A 36 10.33 -3.08 1.44
N THR A 37 10.39 -4.39 1.21
CA THR A 37 10.05 -5.37 2.26
C THR A 37 11.25 -5.85 3.08
N PRO A 38 11.18 -5.73 4.41
CA PRO A 38 12.24 -6.29 5.27
C PRO A 38 12.12 -7.80 5.38
N ASP A 39 13.21 -8.49 5.71
CA ASP A 39 13.15 -9.96 5.91
C ASP A 39 12.59 -10.28 7.29
N THR A 40 11.34 -10.74 7.33
CA THR A 40 10.66 -11.05 8.59
C THR A 40 9.89 -12.37 8.52
N THR A 41 9.57 -12.94 9.67
CA THR A 41 8.71 -14.12 9.74
C THR A 41 7.35 -13.71 10.28
N PRO A 42 6.29 -13.94 9.49
CA PRO A 42 4.96 -13.46 9.85
C PRO A 42 4.42 -14.10 11.12
N ASN A 44 1.91 -16.29 13.28
CA ASN A 44 1.00 -17.40 13.02
C ASN A 44 -0.40 -16.99 13.46
N ALA A 45 -1.38 -17.85 13.22
CA ALA A 45 -2.76 -17.55 13.60
C ALA A 45 -2.84 -17.17 15.08
N ALA A 46 -2.20 -17.94 15.94
CA ALA A 46 -2.25 -17.69 17.38
C ALA A 46 -1.72 -16.29 17.71
N GLU A 47 -0.50 -16.02 17.25
CA GLU A 47 0.15 -14.73 17.47
C GLU A 47 -0.68 -13.54 16.98
N GLN A 48 -1.33 -13.68 15.82
CA GLN A 48 -2.16 -12.61 15.26
C GLN A 48 -3.36 -12.35 16.14
N GLU A 49 -3.96 -13.43 16.61
CA GLU A 49 -5.10 -13.37 17.53
C GLU A 49 -4.67 -12.64 18.81
N HIS A 50 -3.50 -13.02 19.33
CA HIS A 50 -2.95 -12.42 20.53
C HIS A 50 -2.64 -10.93 20.32
N TYR A 51 -2.17 -10.59 19.13
CA TYR A 51 -1.79 -9.21 18.79
C TYR A 51 -2.99 -8.29 18.91
N LEU A 52 -4.12 -8.75 18.36
CA LEU A 52 -5.36 -7.97 18.40
C LEU A 52 -5.94 -7.95 19.81
N GLU A 53 -5.79 -9.04 20.55
CA GLU A 53 -6.20 -9.05 21.95
C GLU A 53 -5.47 -7.92 22.70
N THR A 54 -4.18 -7.79 22.44
CA THR A 54 -3.36 -6.74 23.06
C THR A 54 -3.88 -5.34 22.74
N LEU A 55 -4.18 -5.06 21.48
CA LEU A 55 -4.67 -3.73 21.08
C LEU A 55 -5.96 -3.36 21.82
N GLN A 56 -6.88 -4.30 21.92
CA GLN A 56 -8.15 -4.07 22.60
C GLN A 56 -7.91 -3.71 24.05
N ALA A 57 -6.94 -4.39 24.66
CA ALA A 57 -6.59 -4.19 26.05
C ALA A 57 -6.11 -2.76 26.28
N LEU A 58 -5.21 -2.30 25.40
CA LEU A 58 -4.65 -0.96 25.51
C LEU A 58 -5.76 0.07 25.38
N ASP A 59 -6.78 -0.23 24.56
CA ASP A 59 -7.89 0.68 24.37
C ASP A 59 -8.78 0.79 25.61
N ASN A 60 -8.81 -0.27 26.40
CA ASN A 60 -9.67 -0.30 27.58
C ASN A 60 -9.01 0.39 28.77
N LYS A 61 -7.80 0.91 28.55
CA LYS A 61 -7.12 1.73 29.55
C LYS A 61 -7.77 3.09 29.69
N LYS A 62 -7.46 3.76 30.80
CA LYS A 62 -8.07 5.06 31.11
C LYS A 62 -7.40 6.20 30.36
N ASN A 63 -6.12 6.05 30.06
CA ASN A 63 -5.35 7.15 29.47
C ASN A 63 -4.98 6.96 27.99
N LEU A 64 -5.20 5.77 27.44
CA LEU A 64 -4.82 5.48 26.06
C LEU A 64 -6.03 5.08 25.21
N ILE A 65 -6.15 5.66 24.02
CA ILE A 65 -7.16 5.24 23.04
C ILE A 65 -6.45 4.58 21.85
N ILE A 66 -6.96 3.44 21.40
CA ILE A 66 -6.49 2.75 20.20
C ILE A 66 -7.59 2.81 19.15
N ARG A 67 -7.33 3.47 18.04
CA ARG A 67 -8.37 3.67 17.02
C ARG A 67 -7.78 3.49 15.63
N PRO A 68 -8.51 2.79 14.74
CA PRO A 68 -7.97 2.62 13.39
C PRO A 68 -7.95 3.94 12.63
N GLN A 69 -7.00 4.10 11.72
CA GLN A 69 -6.92 5.35 10.96
C GLN A 69 -8.16 5.56 10.14
N ILE A 70 -8.80 4.47 9.73
CA ILE A 70 -10.01 4.55 8.91
C ILE A 70 -11.18 5.11 9.73
N HIS A 71 -10.95 5.34 11.02
CA HIS A 71 -11.96 5.93 11.90
C HIS A 71 -11.63 7.38 12.30
N ASP A 72 -10.72 8.03 11.56
CA ASP A 72 -10.35 9.42 11.83
C ASP A 72 -11.56 10.36 11.78
N ASP A 73 -12.60 9.95 11.08
CA ASP A 73 -13.82 10.75 10.91
C ASP A 73 -14.76 10.66 12.10
N ARG A 74 -14.50 9.76 13.03
CA ARG A 74 -15.40 9.52 14.15
C ARG A 74 -15.10 10.38 15.36
N GLU A 75 -16.15 10.88 16.00
CA GLU A 75 -16.01 11.46 17.33
C GLU A 75 -15.62 10.34 18.27
N GLU A 76 -14.95 10.69 19.37
CA GLU A 76 -14.47 9.69 20.32
C GLU A 76 -15.61 8.84 20.87
N GLU A 77 -16.80 9.43 20.92
CA GLU A 77 -18.01 8.77 21.40
C GLU A 77 -18.46 7.61 20.50
N GLU A 78 -18.08 7.68 19.21
CA GLU A 78 -18.55 6.71 18.23
C GLU A 78 -17.55 5.58 18.00
N LEU A 79 -16.42 5.67 18.69
CA LEU A 79 -15.38 4.65 18.60
C LEU A 79 -15.81 3.35 19.25
N ASP A 80 -15.59 2.24 18.55
CA ASP A 80 -15.91 0.92 19.08
C ASP A 80 -14.90 -0.08 18.53
N LEU A 81 -13.79 -0.25 19.23
CA LEU A 81 -12.71 -1.12 18.77
C LEU A 81 -13.13 -2.58 18.75
N GLY A 82 -13.92 -2.97 19.76
CA GLY A 82 -14.43 -4.32 19.84
C GLY A 82 -15.21 -4.66 18.58
N ARG A 83 -16.15 -3.79 18.23
CA ARG A 83 -16.98 -3.95 17.04
C ARG A 83 -16.15 -3.94 15.76
N TYR A 84 -15.05 -3.20 15.79
CA TYR A 84 -14.16 -3.10 14.63
C TYR A 84 -13.42 -4.41 14.41
N ILE A 85 -12.69 -4.84 15.44
CA ILE A 85 -11.87 -6.05 15.40
C ILE A 85 -12.70 -7.30 15.14
N ALA A 86 -13.96 -7.25 15.54
CA ALA A 86 -14.87 -8.39 15.39
C ALA A 86 -15.53 -8.44 14.01
N GLU A 87 -15.82 -7.27 13.44
CA GLU A 87 -16.67 -7.21 12.26
C GLU A 87 -15.99 -6.71 10.99
N ASP A 88 -15.05 -5.77 11.15
CA ASP A 88 -14.39 -5.13 10.03
C ASP A 88 -13.04 -5.79 9.81
N ARG A 89 -12.86 -6.47 8.68
CA ARG A 89 -11.58 -7.15 8.46
C ARG A 89 -10.41 -6.25 8.06
N ASN A 90 -10.67 -4.95 7.95
CA ASN A 90 -9.57 -3.99 7.84
C ASN A 90 -8.75 -3.98 9.14
N ALA A 91 -9.33 -4.53 10.21
CA ALA A 91 -8.60 -4.69 11.48
C ALA A 91 -7.37 -5.56 11.34
N ARG A 92 -7.37 -6.48 10.38
CA ARG A 92 -6.22 -7.35 10.17
C ARG A 92 -5.09 -6.66 9.41
N THR A 93 -5.37 -5.56 8.75
CA THR A 93 -4.41 -5.03 7.76
C THR A 93 -4.07 -3.57 7.93
N GLY A 94 -5.01 -2.79 8.46
CA GLY A 94 -4.85 -1.36 8.50
C GLY A 94 -4.02 -0.92 9.69
N PHE A 95 -3.64 0.35 9.70
CA PHE A 95 -2.93 0.91 10.84
C PHE A 95 -3.90 1.34 11.94
N PHE A 96 -3.48 1.16 13.19
CA PHE A 96 -4.21 1.63 14.37
C PHE A 96 -3.43 2.77 15.00
N ARG A 97 -4.10 3.87 15.36
CA ARG A 97 -3.42 4.93 16.09
C ARG A 97 -3.47 4.65 17.60
N VAL A 99 -3.33 6.73 20.89
CA VAL A 99 -3.51 8.15 21.17
C VAL A 99 -3.74 8.41 22.66
N PRO A 100 -2.83 9.18 23.29
CA PRO A 100 -2.92 9.49 24.72
C PRO A 100 -4.15 10.33 25.04
N LYS A 101 -4.79 10.10 26.18
CA LYS A 101 -6.03 10.80 26.52
C LYS A 101 -5.88 12.32 26.71
N ASP A 102 -4.65 12.80 26.80
CA ASP A 102 -4.42 14.25 26.96
C ASP A 102 -4.15 14.99 25.64
N GLN A 103 -4.34 14.29 24.51
CA GLN A 103 -4.14 14.81 23.15
C GLN A 103 -2.68 14.95 22.69
N ARG A 104 -1.93 15.85 23.34
CA ARG A 104 -0.53 16.11 23.02
C ARG A 104 -0.32 16.62 21.58
N ALA A 105 -0.29 17.94 21.41
CA ALA A 105 -0.21 18.51 20.07
C ALA A 105 1.20 18.44 19.47
N PRO A 106 1.27 18.04 18.20
CA PRO A 106 2.50 18.14 17.41
C PRO A 106 2.89 19.62 17.30
N GLU A 107 4.14 19.93 17.59
CA GLU A 107 4.63 21.30 17.41
C GLU A 107 5.40 21.38 16.10
N THR A 108 5.94 22.55 15.78
CA THR A 108 6.67 22.75 14.53
C THR A 108 7.82 21.77 14.38
N ASN A 109 8.38 21.40 15.53
CA ASN A 109 9.61 20.62 15.58
C ASN A 109 9.25 19.19 16.01
N SER A 110 8.81 18.40 15.05
CA SER A 110 8.43 17.02 15.31
C SER A 110 9.00 16.09 14.24
N GLY A 111 8.99 14.79 14.52
CA GLY A 111 9.46 13.81 13.57
C GLY A 111 8.80 12.47 13.83
N ARG A 112 9.18 11.48 13.05
CA ARG A 112 8.65 10.15 13.27
C ARG A 112 9.79 9.19 13.49
N LEU A 113 9.60 8.28 14.42
CA LEU A 113 10.56 7.22 14.67
C LEU A 113 9.93 5.90 14.29
N THR A 114 10.56 5.21 13.35
CA THR A 114 10.08 3.91 12.90
C THR A 114 10.88 2.79 13.56
N ILE A 115 10.17 1.80 14.10
CA ILE A 115 10.78 0.72 14.89
C ILE A 115 10.45 -0.60 14.23
N GLY A 116 11.48 -1.39 13.93
CA GLY A 116 11.28 -2.68 13.28
C GLY A 116 11.67 -3.87 14.15
N VAL A 117 10.66 -4.65 14.53
CA VAL A 117 10.85 -5.91 15.27
C VAL A 117 10.22 -7.07 14.49
N GLU A 118 10.70 -8.29 14.74
CA GLU A 118 10.07 -9.47 14.17
C GLU A 118 8.60 -9.47 14.62
N PRO A 119 7.68 -9.83 13.72
CA PRO A 119 6.24 -9.73 14.02
C PRO A 119 5.80 -10.42 15.31
N LYS A 120 6.47 -11.51 15.71
CA LYS A 120 6.13 -12.17 16.97
C LYS A 120 6.27 -11.25 18.18
N TYR A 121 7.10 -10.23 18.05
CA TYR A 121 7.33 -9.27 19.12
C TYR A 121 6.48 -8.01 19.00
N GLY A 122 5.56 -8.01 18.04
CA GLY A 122 4.74 -6.84 17.76
C GLY A 122 3.86 -6.41 18.91
N ALA A 123 3.27 -7.39 19.60
CA ALA A 123 2.42 -7.06 20.73
C ALA A 123 3.28 -6.46 21.86
N GLN A 124 4.43 -7.07 22.09
CA GLN A 124 5.37 -6.62 23.12
C GLN A 124 5.82 -5.19 22.89
N LEU A 125 6.23 -4.89 21.65
CA LEU A 125 6.65 -3.53 21.30
C LEU A 125 5.50 -2.53 21.48
N ALA A 126 4.30 -2.92 21.07
CA ALA A 126 3.12 -2.07 21.28
C ALA A 126 2.94 -1.70 22.75
N LEU A 127 3.10 -2.68 23.64
CA LEU A 127 2.99 -2.43 25.07
C LEU A 127 4.05 -1.42 25.50
N ALA A 128 5.28 -1.64 25.06
CA ALA A 128 6.38 -0.75 25.36
C ALA A 128 6.16 0.67 24.84
N ALA A 130 3.28 2.07 24.41
CA ALA A 130 2.28 2.62 25.33
C ALA A 130 2.94 3.09 26.62
N THR A 131 3.87 2.30 27.13
CA THR A 131 4.59 2.63 28.37
C THR A 131 5.45 3.89 28.20
N LEU A 132 6.20 3.94 27.12
CA LEU A 132 7.00 5.12 26.79
C LEU A 132 6.11 6.36 26.71
N ASP A 134 3.38 6.94 28.39
CA ASP A 134 2.84 7.36 29.68
C ASP A 134 3.73 8.42 30.32
N LYS A 135 5.04 8.19 30.29
CA LYS A 135 6.00 9.05 30.96
C LYS A 135 6.48 10.23 30.11
N HIS A 136 6.63 9.99 28.80
CA HIS A 136 7.27 10.99 27.94
C HIS A 136 6.26 11.77 27.11
N LYS A 137 6.01 13.01 27.49
CA LYS A 137 5.01 13.81 26.80
C LYS A 137 5.49 14.25 25.41
N SER A 138 6.80 14.16 25.17
CA SER A 138 7.35 14.47 23.86
C SER A 138 6.85 13.49 22.79
N VAL A 139 6.38 12.32 23.23
CA VAL A 139 5.81 11.33 22.32
C VAL A 139 4.31 11.55 22.18
N THR A 140 3.87 12.03 21.03
CA THR A 140 2.50 12.49 20.90
C THR A 140 1.50 11.43 20.43
N GLN A 141 2.00 10.42 19.73
CA GLN A 141 1.13 9.40 19.15
C GLN A 141 1.98 8.21 18.69
N GLY A 142 1.33 7.05 18.56
CA GLY A 142 2.00 5.88 18.01
C GLY A 142 1.12 5.27 16.93
N LYS A 143 1.69 4.42 16.08
CA LYS A 143 0.88 3.70 15.09
C LYS A 143 1.44 2.32 14.94
N VAL A 144 0.56 1.32 14.86
CA VAL A 144 0.99 -0.03 14.58
C VAL A 144 0.09 -0.65 13.53
N VAL A 145 0.66 -1.47 12.64
CA VAL A 145 -0.10 -2.03 11.55
C VAL A 145 -0.82 -3.30 12.01
N GLY A 146 -1.89 -3.69 11.30
CA GLY A 146 -2.60 -4.91 11.65
C GLY A 146 -1.72 -6.13 11.52
N PRO A 147 -2.09 -7.23 12.20
CA PRO A 147 -1.19 -8.38 12.31
C PRO A 147 -0.91 -9.05 10.98
N ALA A 148 -1.86 -9.07 10.05
CA ALA A 148 -1.64 -9.78 8.79
C ALA A 148 -0.55 -9.13 7.96
N LYS A 149 -0.35 -7.83 8.14
CA LYS A 149 0.69 -7.13 7.39
C LYS A 149 1.91 -6.72 8.22
N TYR A 150 1.94 -7.10 9.49
CA TYR A 150 3.08 -6.77 10.33
C TYR A 150 4.37 -7.32 9.73
N GLY A 151 5.35 -6.45 9.51
CA GLY A 151 6.61 -6.85 8.92
C GLY A 151 6.64 -7.05 7.42
N GLN A 152 5.60 -6.65 6.71
CA GLN A 152 5.50 -6.98 5.28
C GLN A 152 5.56 -5.78 4.33
N GLN A 153 5.87 -4.62 4.90
CA GLN A 153 6.12 -3.44 4.09
C GLN A 153 7.16 -2.63 4.85
N THR A 154 7.49 -1.43 4.38
CA THR A 154 8.67 -0.77 4.95
C THR A 154 8.54 -0.43 6.43
N ASP A 155 7.33 -0.17 6.90
CA ASP A 155 7.14 0.12 8.32
C ASP A 155 5.94 -0.62 8.91
N SER A 156 5.96 -0.80 10.23
CA SER A 156 4.88 -1.50 10.93
C SER A 156 4.60 -0.87 12.28
N ALA A 157 5.52 -0.02 12.73
CA ALA A 157 5.40 0.56 14.06
C ALA A 157 6.10 1.90 14.02
N ILE A 158 5.37 2.94 14.42
CA ILE A 158 5.86 4.31 14.27
C ILE A 158 5.48 5.12 15.50
N LEU A 159 6.40 5.97 15.95
CA LEU A 159 6.13 6.93 17.02
C LEU A 159 6.25 8.35 16.49
N TYR A 160 5.32 9.23 16.86
CA TYR A 160 5.46 10.65 16.54
C TYR A 160 6.03 11.34 17.75
N ILE A 161 7.11 12.07 17.54
CA ILE A 161 7.87 12.66 18.64
C ILE A 161 8.11 14.14 18.39
N ASN A 162 7.78 14.97 19.38
CA ASN A 162 8.12 16.39 19.32
C ASN A 162 9.58 16.54 19.73
N GLY A 163 10.41 17.06 18.84
CA GLY A 163 11.80 17.29 19.21
C GLY A 163 12.71 17.07 18.03
N ASP A 164 13.99 16.85 18.32
CA ASP A 164 15.00 16.73 17.27
C ASP A 164 15.60 15.33 17.21
N LEU A 165 16.64 15.19 16.38
CA LEU A 165 17.33 13.91 16.20
C LEU A 165 17.85 13.35 17.52
N ALA A 166 18.44 14.21 18.34
CA ALA A 166 19.04 13.77 19.62
C ALA A 166 17.99 13.14 20.51
N LYS A 167 16.84 13.79 20.61
CA LYS A 167 15.74 13.30 21.45
C LYS A 167 15.29 11.93 20.95
N ALA A 168 15.27 11.77 19.64
CA ALA A 168 14.83 10.51 19.04
C ALA A 168 15.81 9.37 19.24
N VAL A 169 17.10 9.68 19.24
CA VAL A 169 18.07 8.63 19.52
C VAL A 169 17.87 8.12 20.93
N LYS A 170 17.76 9.07 21.85
CA LYS A 170 17.56 8.76 23.26
C LYS A 170 16.31 7.93 23.47
N LEU A 171 15.22 8.37 22.83
CA LEU A 171 13.93 7.71 23.05
C LEU A 171 13.88 6.34 22.43
N GLY A 172 14.57 6.16 21.31
CA GLY A 172 14.65 4.86 20.67
C GLY A 172 15.37 3.84 21.54
N GLU A 173 16.48 4.24 22.15
CA GLU A 173 17.20 3.30 23.00
C GLU A 173 16.38 3.02 24.27
N LYS A 174 15.69 4.02 24.78
CA LYS A 174 14.87 3.82 25.97
C LYS A 174 13.72 2.86 25.68
N LEU A 175 13.10 3.02 24.51
CA LEU A 175 12.08 2.09 24.05
C LEU A 175 12.61 0.65 23.95
N LYS A 176 13.79 0.46 23.38
CA LYS A 176 14.37 -0.88 23.27
C LYS A 176 14.49 -1.53 24.64
N LYS A 177 14.97 -0.75 25.61
CA LYS A 177 15.16 -1.23 26.97
C LYS A 177 13.84 -1.62 27.61
N LEU A 178 12.89 -0.68 27.56
CA LEU A 178 11.56 -0.87 28.12
C LEU A 178 10.90 -2.13 27.56
N SER A 179 11.18 -2.44 26.29
CA SER A 179 10.45 -3.48 25.59
C SER A 179 10.80 -4.88 26.06
N GLY A 180 12.04 -5.06 26.50
CA GLY A 180 12.52 -6.36 26.93
C GLY A 180 12.79 -7.26 25.74
N ILE A 181 12.58 -6.72 24.54
CA ILE A 181 12.80 -7.48 23.31
C ILE A 181 14.29 -7.70 23.10
N PRO A 182 14.68 -8.97 22.89
CA PRO A 182 16.06 -9.37 22.58
C PRO A 182 16.58 -8.74 21.29
N PRO A 183 17.90 -8.55 21.19
CA PRO A 183 18.55 -7.92 20.03
C PRO A 183 18.25 -8.64 18.72
N GLU A 184 17.98 -9.94 18.80
CA GLU A 184 17.60 -10.73 17.64
C GLU A 184 16.15 -10.48 17.25
N GLY A 185 15.39 -9.88 18.16
CA GLY A 185 14.00 -9.55 17.89
C GLY A 185 13.83 -8.30 17.04
N PHE A 186 14.88 -7.47 16.97
CA PHE A 186 14.85 -6.26 16.16
C PHE A 186 15.34 -6.53 14.75
N VAL A 187 14.77 -5.82 13.77
CA VAL A 187 15.01 -6.08 12.35
C VAL A 187 15.91 -5.04 11.71
N GLU A 188 16.98 -5.49 11.07
CA GLU A 188 17.86 -4.56 10.37
C GLU A 188 17.19 -4.07 9.09
N HIS A 189 16.64 -2.86 9.15
CA HIS A 189 15.95 -2.29 7.99
C HIS A 189 15.77 -0.79 8.21
N THR A 190 16.17 -0.01 7.21
CA THR A 190 15.95 1.42 7.22
C THR A 190 15.13 1.82 6.01
N PRO A 191 13.91 2.34 6.24
CA PRO A 191 13.10 2.79 5.10
C PRO A 191 13.82 3.87 4.30
N LEU A 192 13.60 3.91 2.99
CA LEU A 192 14.36 4.80 2.12
C LEU A 192 14.26 6.27 2.57
N SER A 193 15.40 6.96 2.60
CA SER A 193 15.49 8.39 2.99
C SER A 193 15.44 8.67 4.50
N GLN A 195 16.83 8.35 8.49
CA GLN A 195 18.11 8.25 9.20
C GLN A 195 18.16 7.03 10.10
N SER A 196 19.06 6.09 9.83
CA SER A 196 19.19 4.95 10.72
C SER A 196 19.78 5.49 12.01
N THR A 197 19.20 5.15 13.14
CA THR A 197 19.71 5.61 14.44
C THR A 197 20.16 4.46 15.34
N GLY A 198 20.01 3.23 14.85
CA GLY A 198 20.30 2.03 15.63
C GLY A 198 19.63 0.82 15.00
N LEU A 199 19.98 -0.38 15.46
CA LEU A 199 19.37 -1.61 14.94
C LEU A 199 17.86 -1.59 15.11
N GLY A 200 17.13 -1.49 13.99
CA GLY A 200 15.68 -1.52 14.03
C GLY A 200 15.04 -0.18 14.32
N LEU A 201 15.83 0.89 14.29
CA LEU A 201 15.36 2.24 14.60
C LEU A 201 15.70 3.22 13.48
N SER A 202 14.74 4.05 13.10
CA SER A 202 14.92 4.94 11.95
C SER A 202 14.09 6.18 12.15
N TYR A 203 14.61 7.33 11.71
CA TYR A 203 14.05 8.60 12.10
C TYR A 203 14.02 9.60 10.95
N ALA A 204 12.98 10.42 10.91
CA ALA A 204 12.89 11.49 9.91
C ALA A 204 12.20 12.68 10.52
N GLU A 205 12.76 13.87 10.28
CA GLU A 205 12.14 15.09 10.76
C GLU A 205 11.12 15.59 9.77
N SER A 206 10.02 16.13 10.30
CA SER A 206 8.97 16.72 9.49
C SER A 206 9.22 18.21 9.35
N VAL A 207 8.87 18.75 8.19
CA VAL A 207 8.90 20.19 7.99
C VAL A 207 7.46 20.68 7.96
N GLU A 208 7.12 21.67 8.79
CA GLU A 208 5.75 22.18 8.83
C GLU A 208 5.25 22.58 7.44
N GLY A 209 4.01 22.18 7.13
CA GLY A 209 3.42 22.52 5.85
C GLY A 209 3.62 21.51 4.72
N GLN A 210 4.50 20.54 4.90
CA GLN A 210 4.72 19.52 3.87
C GLN A 210 3.76 18.36 4.10
N PRO A 211 3.29 17.71 3.02
CA PRO A 211 2.31 16.62 3.15
C PRO A 211 2.90 15.50 3.98
N SER A 212 2.19 15.06 5.01
CA SER A 212 2.78 14.14 5.99
C SER A 212 2.10 12.78 6.11
N SER A 213 0.83 12.69 5.67
CA SER A 213 0.05 11.46 5.89
C SER A 213 0.75 10.26 5.25
N HIS A 214 0.64 9.10 5.90
CA HIS A 214 1.25 7.86 5.40
C HIS A 214 2.76 7.94 5.20
N GLY A 215 3.40 8.98 5.73
CA GLY A 215 4.85 9.11 5.60
C GLY A 215 5.31 9.58 4.22
N GLN A 216 4.46 10.34 3.55
CA GLN A 216 4.72 10.65 2.13
C GLN A 216 5.57 11.87 1.83
N ALA A 217 6.03 12.60 2.84
CA ALA A 217 6.73 13.88 2.56
C ALA A 217 7.84 13.82 1.50
N ARG A 218 8.74 12.85 1.61
CA ARG A 218 9.90 12.80 0.69
C ARG A 218 9.53 12.43 -0.75
N THR A 219 8.35 11.83 -0.92
CA THR A 219 7.82 11.58 -2.27
C THR A 219 7.71 12.87 -3.09
N HIS A 220 7.28 13.95 -2.46
CA HIS A 220 7.08 15.21 -3.16
C HIS A 220 8.41 15.86 -3.58
N VAL A 221 9.45 15.65 -2.79
CA VAL A 221 10.80 16.12 -3.14
C VAL A 221 11.23 15.41 -4.42
N ILE A 222 10.96 14.11 -4.48
CA ILE A 222 11.39 13.34 -5.63
C ILE A 222 10.60 13.78 -6.86
N ASP A 224 9.39 16.76 -7.56
CA ASP A 224 10.04 17.98 -8.04
C ASP A 224 11.26 17.63 -8.88
N ALA A 225 12.14 16.83 -8.31
CA ALA A 225 13.40 16.49 -8.97
C ALA A 225 13.19 15.77 -10.30
N LEU A 226 12.09 15.04 -10.44
CA LEU A 226 11.83 14.27 -11.65
C LEU A 226 11.52 15.16 -12.87
N LYS A 227 11.18 16.41 -12.59
CA LYS A 227 10.84 17.37 -13.65
C LYS A 227 12.09 18.02 -14.20
N GLY A 228 13.24 17.69 -13.62
CA GLY A 228 14.48 18.41 -13.88
C GLY A 228 15.46 17.74 -14.81
N GLN A 229 16.59 18.43 -15.05
CA GLN A 229 17.63 17.90 -15.93
C GLN A 229 18.94 17.76 -15.17
N GLY A 230 19.67 16.68 -15.47
CA GLY A 230 20.99 16.47 -14.91
C GLY A 230 21.10 15.22 -14.09
N PRO A 231 22.33 14.89 -13.65
CA PRO A 231 22.54 13.87 -12.61
C PRO A 231 21.55 14.09 -11.48
N GLU A 233 21.63 13.66 -8.25
CA GLU A 233 22.08 14.19 -6.97
C GLU A 233 21.79 15.68 -6.81
N ASN A 234 22.13 16.48 -7.82
CA ASN A 234 21.90 17.92 -7.76
C ASN A 234 20.42 18.28 -7.77
N ARG A 235 19.65 17.61 -8.61
CA ARG A 235 18.19 17.79 -8.63
C ARG A 235 17.57 17.52 -7.27
N LEU A 236 18.05 16.49 -6.59
CA LEU A 236 17.59 16.19 -5.24
C LEU A 236 17.98 17.24 -4.23
N LYS A 237 19.23 17.68 -4.27
CA LYS A 237 19.73 18.63 -3.28
C LYS A 237 18.98 19.95 -3.37
N ALA A 239 15.84 20.35 -4.70
CA ALA A 239 14.47 20.06 -4.29
C ALA A 239 14.37 19.96 -2.76
N LEU A 240 15.36 19.34 -2.13
CA LEU A 240 15.41 19.29 -0.67
C LEU A 240 15.49 20.70 -0.09
N ALA A 241 16.37 21.53 -0.63
CA ALA A 241 16.52 22.91 -0.17
C ALA A 241 15.20 23.69 -0.27
N GLU A 242 14.53 23.60 -1.42
CA GLU A 242 13.29 24.35 -1.65
C GLU A 242 12.15 23.99 -0.71
N ARG A 243 12.11 22.75 -0.23
CA ARG A 243 11.01 22.32 0.63
C ARG A 243 11.38 22.29 2.11
N GLY A 244 12.57 22.81 2.43
CA GLY A 244 12.91 23.05 3.81
C GLY A 244 13.76 21.98 4.47
N TYR A 245 14.29 21.05 3.69
CA TYR A 245 15.12 19.97 4.23
C TYR A 245 16.61 20.31 4.16
N ASP A 246 17.41 19.56 4.91
CA ASP A 246 18.87 19.63 4.79
C ASP A 246 19.25 18.96 3.47
N PRO A 247 19.92 19.69 2.56
CA PRO A 247 20.29 19.11 1.25
C PRO A 247 21.29 17.97 1.37
N GLU A 248 22.00 17.88 2.48
CA GLU A 248 22.97 16.79 2.63
C GLU A 248 22.42 15.62 3.48
N ASN A 249 21.21 15.79 3.99
CA ASN A 249 20.56 14.73 4.77
C ASN A 249 19.05 14.86 4.64
N PRO A 250 18.44 14.01 3.79
CA PRO A 250 17.02 14.25 3.52
C PRO A 250 16.12 13.94 4.72
N ALA A 251 16.65 13.28 5.76
CA ALA A 251 15.87 12.95 6.95
C ALA A 251 15.70 14.13 7.92
N LEU A 252 16.42 15.23 7.68
CA LEU A 252 16.49 16.34 8.63
C LEU A 252 15.95 17.66 8.07
N ARG A 253 15.37 18.48 8.95
CA ARG A 253 15.05 19.88 8.63
C ARG A 253 16.33 20.64 8.34
N ALA A 254 16.22 21.72 7.55
CA ALA A 254 17.38 22.57 7.28
C ALA A 254 17.94 23.10 8.60
N ARG A 255 19.26 23.07 8.75
CA ARG A 255 20.00 23.49 9.97
C ARG A 255 19.18 23.69 11.26
N ARG B 1 -25.65 -7.23 -10.36
CA ARG B 1 -24.36 -6.94 -10.97
C ARG B 1 -24.37 -5.72 -11.86
N LEU B 2 -24.80 -5.90 -13.11
CA LEU B 2 -24.56 -4.89 -14.15
C LEU B 2 -25.48 -3.67 -14.07
N THR B 3 -25.41 -2.98 -12.93
CA THR B 3 -26.16 -1.76 -12.70
C THR B 3 -25.19 -0.65 -12.32
N SER B 4 -25.44 0.57 -12.79
CA SER B 4 -24.57 1.69 -12.46
C SER B 4 -24.74 2.16 -11.02
N LYS B 5 -25.90 1.87 -10.44
CA LYS B 5 -26.24 2.32 -9.08
C LYS B 5 -25.12 2.07 -8.10
N GLN B 6 -24.77 0.80 -7.90
CA GLN B 6 -23.73 0.43 -6.94
C GLN B 6 -22.39 1.04 -7.29
N THR B 7 -22.08 1.11 -8.58
CA THR B 7 -20.78 1.60 -9.01
C THR B 7 -20.61 3.07 -8.67
N PHE B 8 -21.61 3.89 -8.98
CA PHE B 8 -21.51 5.30 -8.59
C PHE B 8 -21.53 5.40 -7.07
N ALA B 9 -22.32 4.55 -6.42
CA ALA B 9 -22.53 4.67 -4.98
C ALA B 9 -21.25 4.41 -4.17
N SER B 10 -20.45 3.45 -4.61
CA SER B 10 -19.21 3.12 -3.90
C SER B 10 -18.17 4.21 -4.13
N PHE B 11 -18.16 4.79 -5.34
CA PHE B 11 -17.32 5.94 -5.69
C PHE B 11 -17.66 7.14 -4.81
N GLN B 12 -18.95 7.40 -4.64
CA GLN B 12 -19.37 8.50 -3.77
C GLN B 12 -19.05 8.26 -2.29
N GLN B 13 -19.18 7.01 -1.84
CA GLN B 13 -18.80 6.64 -0.48
C GLN B 13 -17.31 6.85 -0.27
N TRP B 14 -16.51 6.51 -1.29
CA TRP B 14 -15.07 6.71 -1.25
C TRP B 14 -14.77 8.20 -1.07
N ALA B 15 -15.37 9.04 -1.89
CA ALA B 15 -15.08 10.46 -1.86
C ALA B 15 -15.58 11.09 -0.57
N GLU B 16 -16.73 10.63 -0.08
CA GLU B 16 -17.26 11.19 1.16
C GLU B 16 -16.41 10.79 2.35
N LYS B 17 -15.93 9.55 2.32
CA LYS B 17 -15.01 9.06 3.33
C LYS B 17 -13.76 9.92 3.31
N ALA B 18 -13.20 10.15 2.14
CA ALA B 18 -12.01 11.01 2.02
C ALA B 18 -12.23 12.40 2.63
N GLU B 19 -13.36 13.02 2.33
CA GLU B 19 -13.64 14.34 2.87
C GLU B 19 -13.86 14.30 4.40
N ALA B 20 -14.59 13.29 4.87
CA ALA B 20 -14.85 13.13 6.29
C ALA B 20 -13.56 12.88 7.07
N LEU B 21 -12.69 12.05 6.51
CA LEU B 21 -11.39 11.75 7.13
C LEU B 21 -10.47 12.96 7.04
N GLY B 22 -10.78 13.87 6.13
CA GLY B 22 -9.92 15.00 5.87
C GLY B 22 -8.70 14.62 5.05
N ARG B 23 -8.79 13.55 4.26
CA ARG B 23 -7.69 13.22 3.35
C ARG B 23 -7.74 14.13 2.13
N ASP B 24 -6.63 14.79 1.84
CA ASP B 24 -6.58 15.76 0.76
C ASP B 24 -5.35 15.64 -0.15
N THR B 25 -4.69 14.48 -0.13
CA THR B 25 -3.57 14.21 -1.05
C THR B 25 -3.89 12.97 -1.91
N GLU B 26 -3.21 12.82 -3.03
CA GLU B 26 -3.46 11.66 -3.91
C GLU B 26 -3.23 10.34 -3.19
N ILE B 27 -2.14 10.23 -2.45
CA ILE B 27 -1.84 9.02 -1.69
C ILE B 27 -2.88 8.74 -0.61
N GLY B 28 -3.27 9.77 0.12
CA GLY B 28 -4.27 9.65 1.16
C GLY B 28 -5.63 9.25 0.61
N ILE B 29 -6.03 9.82 -0.51
CA ILE B 29 -7.27 9.35 -1.12
C ILE B 29 -7.14 7.91 -1.68
N TYR B 30 -6.04 7.64 -2.37
CA TYR B 30 -5.77 6.31 -2.93
C TYR B 30 -5.81 5.20 -1.89
N ILE B 32 -7.55 4.79 0.79
CA ILE B 32 -8.90 4.40 1.17
C ILE B 32 -9.40 3.31 0.21
N TYR B 33 -9.17 3.53 -1.09
CA TYR B 33 -9.46 2.50 -2.09
C TYR B 33 -8.58 1.26 -1.91
N LYS B 34 -7.29 1.46 -1.70
CA LYS B 34 -6.33 0.34 -1.76
C LYS B 34 -6.43 -0.57 -0.52
N ARG B 35 -6.61 0.04 0.66
CA ARG B 35 -6.56 -0.73 1.92
C ARG B 35 -7.91 -1.33 2.34
N ASP B 36 -8.87 -1.22 1.45
CA ASP B 36 -10.19 -1.79 1.64
C ASP B 36 -10.04 -3.31 1.50
N THR B 37 -10.14 -4.04 2.62
CA THR B 37 -9.78 -5.46 2.66
C THR B 37 -10.98 -6.39 2.56
N PRO B 38 -10.92 -7.37 1.63
CA PRO B 38 -12.03 -8.34 1.62
C PRO B 38 -11.82 -9.41 2.69
N ASP B 39 -12.87 -10.19 2.97
CA ASP B 39 -12.78 -11.23 3.99
C ASP B 39 -12.23 -12.50 3.34
N THR B 40 -10.95 -12.81 3.60
CA THR B 40 -10.32 -13.99 3.00
C THR B 40 -9.49 -14.73 4.04
N THR B 41 -9.12 -15.96 3.72
CA THR B 41 -8.19 -16.70 4.58
C THR B 41 -6.82 -16.80 3.90
N PRO B 42 -5.78 -16.23 4.52
CA PRO B 42 -4.43 -16.20 3.95
C PRO B 42 -3.88 -17.59 3.62
N ASN B 44 -1.31 -20.70 3.80
CA ASN B 44 -0.33 -21.26 4.74
C ASN B 44 1.05 -21.29 4.08
N ALA B 45 2.09 -21.69 4.81
CA ALA B 45 3.45 -21.69 4.28
C ALA B 45 3.63 -22.59 3.05
N ALA B 46 3.05 -23.79 3.08
CA ALA B 46 3.14 -24.71 1.94
C ALA B 46 2.48 -24.09 0.72
N GLU B 47 1.31 -23.51 0.96
CA GLU B 47 0.57 -22.83 -0.10
C GLU B 47 1.36 -21.65 -0.68
N GLN B 48 2.08 -20.91 0.16
CA GLN B 48 2.87 -19.78 -0.36
C GLN B 48 4.05 -20.25 -1.24
N GLU B 49 4.72 -21.30 -0.80
CA GLU B 49 5.82 -21.89 -1.55
C GLU B 49 5.33 -22.44 -2.89
N HIS B 50 4.21 -23.14 -2.84
CA HIS B 50 3.55 -23.68 -4.02
C HIS B 50 3.25 -22.54 -5.00
N TYR B 51 2.69 -21.45 -4.48
CA TYR B 51 2.36 -20.28 -5.30
C TYR B 51 3.59 -19.73 -6.01
N LEU B 52 4.67 -19.54 -5.26
CA LEU B 52 5.89 -19.03 -5.88
C LEU B 52 6.43 -20.05 -6.87
N GLU B 53 6.29 -21.34 -6.55
CA GLU B 53 6.67 -22.39 -7.50
C GLU B 53 5.84 -22.32 -8.78
N THR B 54 4.55 -22.04 -8.65
CA THR B 54 3.68 -21.90 -9.82
C THR B 54 4.15 -20.76 -10.72
N LEU B 55 4.41 -19.60 -10.11
CA LEU B 55 4.93 -18.45 -10.83
C LEU B 55 6.20 -18.77 -11.60
N GLN B 56 7.13 -19.42 -10.92
CA GLN B 56 8.41 -19.77 -11.54
C GLN B 56 8.17 -20.71 -12.71
N ALA B 57 7.24 -21.64 -12.53
CA ALA B 57 6.88 -22.57 -13.61
C ALA B 57 6.26 -21.85 -14.81
N LEU B 58 5.40 -20.86 -14.54
CA LEU B 58 4.77 -20.11 -15.63
C LEU B 58 5.78 -19.35 -16.48
N ASP B 59 6.86 -18.86 -15.86
CA ASP B 59 7.88 -18.14 -16.59
C ASP B 59 8.61 -19.04 -17.59
N ASN B 60 8.59 -20.34 -17.36
CA ASN B 60 9.15 -21.33 -18.30
C ASN B 60 8.31 -21.56 -19.57
N LYS B 61 7.08 -21.06 -19.59
CA LYS B 61 6.28 -21.07 -20.81
C LYS B 61 7.04 -20.30 -21.87
N LYS B 62 6.99 -20.75 -23.12
CA LYS B 62 7.79 -20.11 -24.17
C LYS B 62 7.25 -18.76 -24.63
N ASN B 63 5.94 -18.56 -24.49
CA ASN B 63 5.33 -17.31 -24.92
C ASN B 63 4.89 -16.40 -23.77
N LEU B 64 5.47 -16.59 -22.60
CA LEU B 64 5.05 -15.86 -21.40
C LEU B 64 6.24 -15.57 -20.51
N ILE B 65 6.33 -14.33 -20.02
CA ILE B 65 7.36 -13.93 -19.07
C ILE B 65 6.69 -13.47 -17.78
N ILE B 66 7.17 -13.94 -16.63
CA ILE B 66 6.69 -13.43 -15.35
C ILE B 66 7.79 -12.52 -14.79
N ARG B 67 7.51 -11.23 -14.60
CA ARG B 67 8.52 -10.31 -14.11
C ARG B 67 7.97 -9.40 -13.02
N PRO B 68 8.69 -9.28 -11.90
CA PRO B 68 8.14 -8.42 -10.85
C PRO B 68 8.08 -6.97 -11.32
N GLN B 69 7.11 -6.20 -10.84
CA GLN B 69 7.01 -4.79 -11.21
C GLN B 69 8.29 -4.03 -10.87
N ILE B 70 8.97 -4.42 -9.79
CA ILE B 70 10.17 -3.70 -9.37
C ILE B 70 11.35 -3.90 -10.36
N HIS B 71 11.14 -4.77 -11.35
CA HIS B 71 12.09 -4.98 -12.45
C HIS B 71 11.66 -4.35 -13.79
N ASP B 72 10.77 -3.35 -13.75
CA ASP B 72 10.35 -2.67 -14.96
C ASP B 72 11.52 -1.97 -15.65
N ASP B 73 12.59 -1.72 -14.89
CA ASP B 73 13.78 -1.06 -15.42
C ASP B 73 14.76 -2.03 -16.12
N ARG B 74 14.44 -3.33 -16.09
CA ARG B 74 15.36 -4.31 -16.67
C ARG B 74 15.02 -4.67 -18.12
N GLU B 75 16.06 -4.86 -18.94
CA GLU B 75 15.86 -5.43 -20.26
C GLU B 75 15.51 -6.90 -20.05
N GLU B 76 14.86 -7.50 -21.05
CA GLU B 76 14.48 -8.91 -20.93
C GLU B 76 15.68 -9.79 -20.57
N GLU B 77 16.83 -9.54 -21.19
CA GLU B 77 18.02 -10.35 -20.91
C GLU B 77 18.64 -10.09 -19.53
N GLU B 78 18.07 -9.17 -18.76
CA GLU B 78 18.56 -8.89 -17.41
C GLU B 78 17.71 -9.56 -16.33
N LEU B 79 16.57 -10.10 -16.74
CA LEU B 79 15.64 -10.73 -15.81
C LEU B 79 16.23 -12.02 -15.24
N ASP B 80 15.92 -12.30 -13.97
CA ASP B 80 16.25 -13.59 -13.37
C ASP B 80 15.24 -13.86 -12.28
N LEU B 81 14.09 -14.40 -12.68
CA LEU B 81 12.98 -14.65 -11.76
C LEU B 81 13.40 -15.59 -10.65
N GLY B 82 14.18 -16.62 -11.00
CA GLY B 82 14.64 -17.59 -10.02
C GLY B 82 15.44 -16.93 -8.90
N ARG B 83 16.38 -16.08 -9.28
CA ARG B 83 17.19 -15.38 -8.31
C ARG B 83 16.35 -14.43 -7.44
N TYR B 84 15.42 -13.71 -8.09
CA TYR B 84 14.51 -12.81 -7.39
C TYR B 84 13.73 -13.55 -6.29
N ILE B 85 13.13 -14.68 -6.68
CA ILE B 85 12.33 -15.46 -5.75
C ILE B 85 13.14 -16.04 -4.59
N ALA B 86 14.34 -16.52 -4.88
CA ALA B 86 15.21 -17.09 -3.86
C ALA B 86 15.82 -16.01 -2.96
N GLU B 87 16.14 -14.86 -3.53
CA GLU B 87 16.96 -13.87 -2.82
C GLU B 87 16.30 -12.55 -2.43
N ASP B 88 15.20 -12.18 -3.08
CA ASP B 88 14.63 -10.86 -2.85
C ASP B 88 13.34 -11.00 -2.05
N ARG B 89 13.27 -10.43 -0.85
CA ARG B 89 12.08 -10.59 -0.01
C ARG B 89 10.86 -9.88 -0.59
N ASN B 90 11.08 -9.02 -1.57
CA ASN B 90 9.97 -8.35 -2.25
C ASN B 90 9.12 -9.39 -2.99
N ALA B 91 9.70 -10.53 -3.31
CA ALA B 91 8.96 -11.59 -4.02
C ALA B 91 7.79 -12.10 -3.20
N ARG B 92 7.85 -11.95 -1.88
CA ARG B 92 6.75 -12.40 -1.04
C ARG B 92 5.57 -11.42 -1.09
N THR B 93 5.80 -10.18 -1.49
CA THR B 93 4.81 -9.12 -1.28
C THR B 93 4.46 -8.30 -2.51
N GLY B 94 5.40 -8.19 -3.45
CA GLY B 94 5.24 -7.32 -4.59
C GLY B 94 4.35 -7.93 -5.67
N PHE B 95 3.91 -7.10 -6.60
CA PHE B 95 3.17 -7.60 -7.76
C PHE B 95 4.09 -8.14 -8.85
N PHE B 96 3.68 -9.25 -9.46
CA PHE B 96 4.38 -9.85 -10.60
C PHE B 96 3.57 -9.56 -11.85
N ARG B 97 4.22 -9.11 -12.92
CA ARG B 97 3.57 -8.95 -14.22
C ARG B 97 3.60 -10.28 -14.97
N VAL B 99 3.49 -11.30 -18.75
CA VAL B 99 3.63 -10.53 -19.99
C VAL B 99 3.85 -11.45 -21.19
N PRO B 100 3.09 -11.25 -22.28
CA PRO B 100 3.24 -12.08 -23.48
C PRO B 100 4.57 -11.83 -24.15
N LYS B 101 5.15 -12.87 -24.74
CA LYS B 101 6.43 -12.76 -25.44
C LYS B 101 6.31 -11.88 -26.67
N ASP B 102 5.17 -11.97 -27.35
CA ASP B 102 4.89 -11.08 -28.47
C ASP B 102 3.99 -9.96 -27.98
N GLN B 103 4.56 -8.76 -27.92
CA GLN B 103 3.90 -7.62 -27.28
C GLN B 103 2.57 -7.23 -27.94
N ARG B 104 1.51 -7.29 -27.13
CA ARG B 104 0.21 -6.79 -27.49
C ARG B 104 0.07 -5.44 -26.83
N ALA B 105 0.01 -4.38 -27.62
CA ALA B 105 -0.09 -3.03 -27.07
C ALA B 105 -1.47 -2.79 -26.49
N PRO B 106 -1.52 -2.12 -25.32
CA PRO B 106 -2.80 -1.63 -24.83
C PRO B 106 -3.39 -0.60 -25.78
N GLU B 107 -4.67 -0.74 -26.13
CA GLU B 107 -5.33 0.17 -27.07
C GLU B 107 -6.14 1.25 -26.37
N THR B 108 -6.75 2.13 -27.15
CA THR B 108 -7.52 3.23 -26.59
C THR B 108 -8.71 2.70 -25.79
N ASN B 109 -9.35 1.66 -26.32
CA ASN B 109 -10.42 0.98 -25.60
C ASN B 109 -9.84 -0.17 -24.80
N SER B 110 -9.44 0.11 -23.57
CA SER B 110 -8.87 -0.92 -22.70
C SER B 110 -9.36 -0.71 -21.28
N GLY B 111 -9.32 -1.80 -20.51
CA GLY B 111 -9.81 -1.77 -19.16
C GLY B 111 -9.05 -2.75 -18.30
N ARG B 112 -9.40 -2.80 -17.03
CA ARG B 112 -8.88 -3.85 -16.16
C ARG B 112 -10.01 -4.68 -15.60
N LEU B 113 -9.77 -5.98 -15.48
CA LEU B 113 -10.71 -6.90 -14.86
C LEU B 113 -10.00 -7.38 -13.62
N THR B 114 -10.61 -7.13 -12.46
CA THR B 114 -9.98 -7.53 -11.20
C THR B 114 -10.70 -8.78 -10.69
N ILE B 115 -9.92 -9.81 -10.32
CA ILE B 115 -10.51 -11.11 -10.00
C ILE B 115 -10.14 -11.51 -8.56
N GLY B 116 -11.15 -11.77 -7.73
CA GLY B 116 -10.92 -12.11 -6.33
C GLY B 116 -11.24 -13.56 -5.97
N VAL B 117 -10.23 -14.31 -5.56
CA VAL B 117 -10.41 -15.68 -5.08
C VAL B 117 -9.73 -15.84 -3.71
N GLU B 118 -10.21 -16.79 -2.91
CA GLU B 118 -9.51 -17.17 -1.68
C GLU B 118 -8.04 -17.45 -2.01
N PRO B 119 -7.10 -16.95 -1.19
CA PRO B 119 -5.68 -17.10 -1.50
C PRO B 119 -5.23 -18.53 -1.82
N LYS B 120 -5.89 -19.56 -1.30
CA LYS B 120 -5.45 -20.93 -1.58
C LYS B 120 -5.75 -21.34 -3.01
N TYR B 121 -6.57 -20.54 -3.70
CA TYR B 121 -6.81 -20.74 -5.12
C TYR B 121 -6.03 -19.78 -6.00
N GLY B 122 -5.16 -18.96 -5.40
CA GLY B 122 -4.45 -17.96 -6.17
C GLY B 122 -3.55 -18.54 -7.24
N ALA B 123 -2.93 -19.67 -6.94
CA ALA B 123 -2.00 -20.30 -7.86
C ALA B 123 -2.78 -20.86 -9.05
N GLN B 124 -3.92 -21.45 -8.76
CA GLN B 124 -4.78 -22.04 -9.78
C GLN B 124 -5.27 -20.90 -10.69
N LEU B 125 -5.64 -19.77 -10.08
CA LEU B 125 -6.09 -18.63 -10.86
C LEU B 125 -5.00 -18.12 -11.80
N ALA B 126 -3.77 -18.02 -11.31
CA ALA B 126 -2.66 -17.58 -12.15
C ALA B 126 -2.46 -18.51 -13.35
N LEU B 127 -2.55 -19.81 -13.12
CA LEU B 127 -2.46 -20.76 -14.22
C LEU B 127 -3.57 -20.45 -15.23
N ALA B 128 -4.78 -20.24 -14.72
CA ALA B 128 -5.93 -19.96 -15.59
C ALA B 128 -5.72 -18.67 -16.38
N ALA B 130 -2.86 -17.32 -17.35
CA ALA B 130 -1.81 -17.52 -18.35
C ALA B 130 -2.37 -18.24 -19.56
N THR B 131 -3.24 -19.20 -19.29
CA THR B 131 -3.89 -19.97 -20.35
C THR B 131 -4.85 -19.09 -21.13
N LEU B 132 -5.59 -18.23 -20.42
CA LEU B 132 -6.46 -17.29 -21.10
C LEU B 132 -5.64 -16.43 -22.06
N ASP B 134 -2.92 -17.21 -23.66
CA ASP B 134 -2.48 -17.96 -24.83
C ASP B 134 -3.55 -17.86 -25.92
N LYS B 135 -4.82 -17.94 -25.49
CA LYS B 135 -5.95 -18.02 -26.40
C LYS B 135 -6.45 -16.67 -26.89
N HIS B 136 -6.32 -15.65 -26.05
CA HIS B 136 -6.94 -14.36 -26.34
C HIS B 136 -5.95 -13.21 -26.43
N LYS B 137 -5.78 -12.67 -27.64
CA LYS B 137 -4.91 -11.53 -27.85
C LYS B 137 -5.48 -10.30 -27.16
N SER B 138 -6.78 -10.31 -26.87
CA SER B 138 -7.41 -9.14 -26.27
C SER B 138 -6.86 -8.91 -24.87
N VAL B 139 -6.40 -9.98 -24.22
CA VAL B 139 -5.76 -9.89 -22.90
C VAL B 139 -4.27 -9.57 -23.05
N THR B 140 -3.90 -8.36 -22.68
CA THR B 140 -2.55 -7.85 -22.97
C THR B 140 -1.52 -8.10 -21.87
N GLN B 141 -1.99 -8.35 -20.66
CA GLN B 141 -1.11 -8.48 -19.50
C GLN B 141 -1.90 -8.99 -18.31
N GLY B 142 -1.21 -9.57 -17.33
CA GLY B 142 -1.82 -9.93 -16.07
C GLY B 142 -0.90 -9.53 -14.92
N LYS B 143 -1.44 -9.39 -13.72
CA LYS B 143 -0.63 -9.03 -12.55
C LYS B 143 -1.15 -9.83 -11.41
N VAL B 144 -0.26 -10.37 -10.58
CA VAL B 144 -0.67 -11.07 -9.39
C VAL B 144 0.26 -10.69 -8.24
N VAL B 145 -0.32 -10.57 -7.06
CA VAL B 145 0.42 -10.11 -5.89
C VAL B 145 1.21 -11.26 -5.26
N GLY B 146 2.27 -10.90 -4.53
CA GLY B 146 3.05 -11.90 -3.82
C GLY B 146 2.21 -12.65 -2.80
N PRO B 147 2.63 -13.87 -2.47
CA PRO B 147 1.80 -14.75 -1.65
C PRO B 147 1.48 -14.22 -0.26
N ALA B 148 2.39 -13.48 0.35
CA ALA B 148 2.19 -12.99 1.72
C ALA B 148 1.08 -11.94 1.80
N LYS B 149 0.80 -11.27 0.68
CA LYS B 149 -0.22 -10.23 0.67
C LYS B 149 -1.46 -10.62 -0.14
N TYR B 150 -1.50 -11.87 -0.59
CA TYR B 150 -2.61 -12.31 -1.44
C TYR B 150 -3.91 -12.22 -0.63
N GLY B 151 -4.86 -11.45 -1.15
CA GLY B 151 -6.16 -11.28 -0.49
C GLY B 151 -6.17 -10.28 0.65
N GLN B 152 -5.11 -9.50 0.79
CA GLN B 152 -4.97 -8.62 1.96
C GLN B 152 -5.14 -7.13 1.65
N GLN B 153 -5.49 -6.84 0.40
CA GLN B 153 -5.86 -5.48 -0.01
C GLN B 153 -6.91 -5.61 -1.09
N THR B 154 -7.30 -4.50 -1.69
CA THR B 154 -8.50 -4.53 -2.53
C THR B 154 -8.34 -5.41 -3.76
N ASP B 155 -7.11 -5.53 -4.24
CA ASP B 155 -6.88 -6.40 -5.41
C ASP B 155 -5.68 -7.31 -5.23
N SER B 156 -5.73 -8.46 -5.90
CA SER B 156 -4.65 -9.43 -5.80
C SER B 156 -4.35 -10.04 -7.16
N ALA B 157 -5.25 -9.85 -8.12
CA ALA B 157 -5.10 -10.49 -9.44
C ALA B 157 -5.86 -9.64 -10.45
N ILE B 158 -5.17 -9.24 -11.50
CA ILE B 158 -5.73 -8.30 -12.45
C ILE B 158 -5.38 -8.73 -13.86
N LEU B 159 -6.33 -8.60 -14.77
CA LEU B 159 -6.04 -8.73 -16.20
C LEU B 159 -6.26 -7.39 -16.90
N TYR B 160 -5.38 -7.06 -17.85
CA TYR B 160 -5.57 -5.89 -18.72
C TYR B 160 -6.13 -6.37 -20.06
N ILE B 161 -7.18 -5.73 -20.54
CA ILE B 161 -7.91 -6.22 -21.70
C ILE B 161 -8.13 -5.09 -22.69
N ASN B 162 -7.91 -5.37 -23.97
CA ASN B 162 -8.30 -4.44 -25.03
C ASN B 162 -9.73 -4.80 -25.42
N GLY B 163 -10.68 -3.92 -25.14
CA GLY B 163 -12.06 -4.17 -25.50
C GLY B 163 -13.02 -3.43 -24.59
N ASP B 164 -14.29 -3.83 -24.59
CA ASP B 164 -15.28 -3.13 -23.77
C ASP B 164 -15.84 -3.98 -22.66
N LEU B 165 -16.90 -3.47 -22.03
CA LEU B 165 -17.61 -4.13 -20.94
C LEU B 165 -18.03 -5.56 -21.28
N ALA B 166 -18.66 -5.73 -22.44
CA ALA B 166 -19.14 -7.04 -22.89
C ALA B 166 -18.02 -8.06 -23.00
N LYS B 167 -16.89 -7.63 -23.56
CA LYS B 167 -15.72 -8.51 -23.68
C LYS B 167 -15.24 -8.93 -22.29
N ALA B 168 -15.19 -7.97 -21.37
CA ALA B 168 -14.81 -8.24 -19.99
C ALA B 168 -15.76 -9.20 -19.28
N VAL B 169 -17.06 -9.01 -19.46
CA VAL B 169 -18.04 -9.91 -18.83
C VAL B 169 -17.82 -11.34 -19.32
N LYS B 170 -17.56 -11.47 -20.62
CA LYS B 170 -17.39 -12.78 -21.25
C LYS B 170 -16.07 -13.45 -20.85
N LEU B 171 -14.98 -12.70 -20.91
CA LEU B 171 -13.66 -13.25 -20.54
C LEU B 171 -13.66 -13.65 -19.08
N GLY B 172 -14.32 -12.85 -18.24
CA GLY B 172 -14.47 -13.18 -16.84
C GLY B 172 -15.21 -14.48 -16.58
N GLU B 173 -16.33 -14.71 -17.28
CA GLU B 173 -17.04 -15.97 -17.10
C GLU B 173 -16.20 -17.11 -17.64
N LYS B 174 -15.50 -16.84 -18.74
CA LYS B 174 -14.67 -17.86 -19.39
C LYS B 174 -13.57 -18.24 -18.42
N LEU B 175 -12.89 -17.21 -17.89
CA LEU B 175 -11.82 -17.40 -16.91
C LEU B 175 -12.28 -18.21 -15.72
N LYS B 176 -13.47 -17.91 -15.18
CA LYS B 176 -13.98 -18.66 -14.03
C LYS B 176 -14.17 -20.14 -14.35
N LYS B 177 -14.85 -20.42 -15.47
CA LYS B 177 -15.01 -21.78 -15.99
C LYS B 177 -13.65 -22.46 -16.17
N LEU B 178 -12.82 -21.86 -17.02
CA LEU B 178 -11.46 -22.32 -17.31
C LEU B 178 -10.69 -22.74 -16.06
N SER B 179 -10.77 -21.90 -15.02
CA SER B 179 -9.98 -22.09 -13.80
C SER B 179 -10.31 -23.36 -13.01
N GLY B 180 -11.55 -23.82 -13.14
CA GLY B 180 -12.00 -24.95 -12.35
C GLY B 180 -12.10 -24.66 -10.85
N ILE B 181 -11.89 -23.40 -10.48
CA ILE B 181 -12.11 -22.99 -9.09
C ILE B 181 -13.61 -23.04 -8.83
N PRO B 182 -14.01 -23.61 -7.69
CA PRO B 182 -15.42 -23.66 -7.30
C PRO B 182 -15.98 -22.29 -6.96
N PRO B 183 -17.30 -22.09 -7.17
CA PRO B 183 -17.99 -20.82 -6.93
C PRO B 183 -17.72 -20.33 -5.51
N GLU B 184 -17.63 -21.27 -4.58
CA GLU B 184 -17.32 -20.96 -3.19
C GLU B 184 -15.94 -20.33 -2.98
N GLY B 185 -15.03 -20.56 -3.94
CA GLY B 185 -13.66 -20.09 -3.86
C GLY B 185 -13.49 -18.66 -4.34
N PHE B 186 -14.53 -18.11 -4.96
CA PHE B 186 -14.50 -16.72 -5.34
C PHE B 186 -14.97 -15.84 -4.20
N VAL B 187 -14.48 -14.60 -4.18
CA VAL B 187 -14.69 -13.72 -3.04
C VAL B 187 -15.62 -12.58 -3.43
N GLU B 188 -16.70 -12.39 -2.67
CA GLU B 188 -17.56 -11.25 -2.93
C GLU B 188 -16.84 -9.99 -2.47
N HIS B 189 -16.41 -9.18 -3.42
CA HIS B 189 -15.70 -7.95 -3.14
C HIS B 189 -15.52 -7.16 -4.42
N THR B 190 -15.95 -5.90 -4.39
CA THR B 190 -15.77 -4.99 -5.53
C THR B 190 -14.95 -3.80 -5.08
N PRO B 191 -13.76 -3.61 -5.67
CA PRO B 191 -12.99 -2.42 -5.28
C PRO B 191 -13.80 -1.14 -5.56
N LEU B 192 -13.60 -0.12 -4.73
CA LEU B 192 -14.42 1.09 -4.84
C LEU B 192 -14.35 1.67 -6.24
N SER B 193 -15.52 2.08 -6.75
CA SER B 193 -15.69 2.65 -8.10
C SER B 193 -15.55 1.69 -9.27
N GLN B 195 -16.95 -1.61 -11.57
CA GLN B 195 -18.23 -2.20 -11.93
C GLN B 195 -18.19 -3.67 -11.57
N SER B 196 -19.08 -4.11 -10.69
CA SER B 196 -19.17 -5.54 -10.43
C SER B 196 -19.75 -6.22 -11.68
N THR B 197 -19.07 -7.27 -12.16
CA THR B 197 -19.54 -8.02 -13.33
C THR B 197 -19.91 -9.45 -12.96
N GLY B 198 -19.65 -9.83 -11.71
CA GLY B 198 -20.03 -11.16 -11.24
C GLY B 198 -19.41 -11.41 -9.88
N LEU B 199 -19.71 -12.56 -9.27
CA LEU B 199 -19.04 -12.92 -8.01
C LEU B 199 -17.54 -13.04 -8.22
N GLY B 200 -16.79 -12.13 -7.59
CA GLY B 200 -15.33 -12.18 -7.66
C GLY B 200 -14.77 -11.47 -8.87
N LEU B 201 -15.63 -10.77 -9.61
CA LEU B 201 -15.22 -10.11 -10.85
C LEU B 201 -15.61 -8.64 -10.87
N SER B 202 -14.66 -7.78 -11.19
CA SER B 202 -14.86 -6.34 -11.18
C SER B 202 -14.08 -5.72 -12.35
N TYR B 203 -14.65 -4.66 -12.94
CA TYR B 203 -14.11 -4.08 -14.18
C TYR B 203 -14.12 -2.55 -14.17
N ALA B 204 -13.15 -1.97 -14.86
CA ALA B 204 -13.10 -0.51 -15.01
C ALA B 204 -12.37 -0.11 -16.29
N GLU B 205 -12.82 0.96 -16.91
CA GLU B 205 -12.23 1.41 -18.17
C GLU B 205 -11.22 2.50 -17.95
N SER B 206 -10.15 2.48 -18.73
CA SER B 206 -9.17 3.54 -18.72
C SER B 206 -9.55 4.58 -19.75
N VAL B 207 -9.22 5.85 -19.45
CA VAL B 207 -9.40 6.97 -20.36
C VAL B 207 -8.02 7.45 -20.82
N GLU B 208 -7.85 7.53 -22.14
CA GLU B 208 -6.59 8.00 -22.73
C GLU B 208 -6.11 9.29 -22.09
N GLY B 209 -4.94 9.26 -21.51
CA GLY B 209 -4.35 10.46 -20.94
C GLY B 209 -4.72 10.69 -19.48
N GLN B 210 -5.21 9.65 -18.82
CA GLN B 210 -5.43 9.71 -17.38
C GLN B 210 -4.40 8.79 -16.71
N PRO B 211 -4.02 9.10 -15.45
CA PRO B 211 -2.97 8.34 -14.75
C PRO B 211 -3.47 6.97 -14.31
N SER B 212 -2.79 5.87 -14.65
CA SER B 212 -3.33 4.52 -14.42
C SER B 212 -2.48 3.57 -13.56
N SER B 213 -1.21 3.90 -13.35
CA SER B 213 -0.33 3.01 -12.59
C SER B 213 -0.89 2.74 -11.17
N HIS B 214 -0.87 1.47 -10.76
CA HIS B 214 -1.41 1.04 -9.47
C HIS B 214 -2.94 1.18 -9.36
N GLY B 215 -3.63 1.41 -10.48
CA GLY B 215 -5.09 1.50 -10.44
C GLY B 215 -5.62 2.84 -9.90
N GLN B 216 -4.81 3.88 -10.05
CA GLN B 216 -5.04 5.16 -9.36
C GLN B 216 -5.88 6.24 -10.06
N ALA B 217 -6.51 5.94 -11.20
CA ALA B 217 -7.17 6.98 -12.01
C ALA B 217 -8.30 7.76 -11.32
N ARG B 218 -9.16 7.04 -10.62
CA ARG B 218 -10.31 7.67 -9.99
C ARG B 218 -9.94 8.54 -8.80
N THR B 219 -8.73 8.36 -8.26
CA THR B 219 -8.25 9.19 -7.15
C THR B 219 -8.22 10.65 -7.61
N HIS B 220 -7.77 10.88 -8.84
CA HIS B 220 -7.69 12.23 -9.39
C HIS B 220 -9.03 12.91 -9.62
N VAL B 221 -10.06 12.13 -9.94
CA VAL B 221 -11.41 12.68 -10.04
C VAL B 221 -11.85 13.18 -8.67
N ILE B 222 -11.56 12.39 -7.63
CA ILE B 222 -11.94 12.76 -6.27
C ILE B 222 -11.19 14.02 -5.80
N ASP B 224 -10.18 16.42 -7.71
CA ASP B 224 -10.94 17.48 -8.38
C ASP B 224 -12.20 17.83 -7.58
N ALA B 225 -12.95 16.81 -7.17
CA ALA B 225 -14.23 17.05 -6.51
C ALA B 225 -14.06 17.71 -5.15
N LEU B 226 -12.96 17.40 -4.46
CA LEU B 226 -12.74 17.90 -3.10
C LEU B 226 -12.38 19.38 -3.08
N LYS B 227 -11.95 19.91 -4.22
CA LYS B 227 -11.61 21.33 -4.33
C LYS B 227 -12.86 22.18 -4.60
N GLY B 228 -13.95 21.53 -4.99
CA GLY B 228 -15.17 22.23 -5.35
C GLY B 228 -16.13 22.47 -4.21
N GLN B 229 -17.34 22.94 -4.55
CA GLN B 229 -18.34 23.31 -3.56
C GLN B 229 -19.67 22.65 -3.92
N GLY B 230 -20.52 22.42 -2.91
CA GLY B 230 -21.82 21.81 -3.15
C GLY B 230 -21.86 20.35 -2.77
N PRO B 231 -23.05 19.71 -2.88
CA PRO B 231 -23.18 18.27 -2.62
C PRO B 231 -22.18 17.46 -3.44
N GLU B 233 -22.17 14.60 -4.72
CA GLU B 233 -22.69 13.91 -5.89
C GLU B 233 -22.56 14.74 -7.15
N ASN B 234 -22.91 16.02 -7.06
CA ASN B 234 -22.78 16.93 -8.19
C ASN B 234 -21.32 17.22 -8.51
N ARG B 235 -20.49 17.34 -7.48
CA ARG B 235 -19.08 17.61 -7.70
C ARG B 235 -18.39 16.43 -8.39
N LEU B 236 -18.77 15.21 -8.02
CA LEU B 236 -18.17 14.02 -8.61
C LEU B 236 -18.55 13.90 -10.10
N LYS B 237 -19.83 14.11 -10.39
CA LYS B 237 -20.30 14.01 -11.77
C LYS B 237 -19.62 15.00 -12.68
N ALA B 239 -16.66 16.33 -12.15
CA ALA B 239 -15.26 15.90 -12.23
C ALA B 239 -15.11 14.71 -13.18
N LEU B 240 -16.04 13.75 -13.07
CA LEU B 240 -16.07 12.62 -13.97
C LEU B 240 -16.17 13.05 -15.42
N ALA B 241 -17.12 13.95 -15.70
CA ALA B 241 -17.36 14.36 -17.09
C ALA B 241 -16.13 15.05 -17.67
N GLU B 242 -15.51 15.91 -16.88
CA GLU B 242 -14.37 16.69 -17.37
C GLU B 242 -13.16 15.84 -17.74
N ARG B 243 -13.01 14.69 -17.07
CA ARG B 243 -11.85 13.82 -17.31
C ARG B 243 -12.17 12.66 -18.24
N GLY B 244 -13.35 12.67 -18.86
CA GLY B 244 -13.65 11.69 -19.87
C GLY B 244 -14.41 10.45 -19.44
N TYR B 245 -14.93 10.43 -18.22
CA TYR B 245 -15.71 9.29 -17.73
C TYR B 245 -17.21 9.50 -17.87
N ASP B 246 -17.97 8.41 -17.79
CA ASP B 246 -19.43 8.46 -17.70
C ASP B 246 -19.84 9.02 -16.33
N PRO B 247 -20.54 10.16 -16.32
CA PRO B 247 -21.00 10.81 -15.07
C PRO B 247 -21.92 9.91 -14.25
N GLU B 248 -22.60 8.99 -14.91
CA GLU B 248 -23.51 8.08 -14.21
C GLU B 248 -22.83 6.79 -13.80
N ASN B 249 -21.64 6.52 -14.33
CA ASN B 249 -20.93 5.28 -14.00
C ASN B 249 -19.42 5.49 -14.05
N PRO B 250 -18.77 5.59 -12.88
CA PRO B 250 -17.35 5.97 -12.87
C PRO B 250 -16.42 4.88 -13.38
N ALA B 251 -16.91 3.65 -13.54
CA ALA B 251 -16.06 2.58 -14.10
C ALA B 251 -15.94 2.65 -15.63
N LEU B 252 -16.73 3.52 -16.27
CA LEU B 252 -16.82 3.56 -17.73
C LEU B 252 -16.33 4.87 -18.36
N ARG B 253 -15.77 4.75 -19.55
CA ARG B 253 -15.46 5.88 -20.42
C ARG B 253 -16.76 6.55 -20.84
N ALA B 254 -16.69 7.83 -21.18
CA ALA B 254 -17.86 8.55 -21.66
C ALA B 254 -18.37 7.99 -22.99
N ARG B 255 -19.69 8.00 -23.16
CA ARG B 255 -20.34 7.80 -24.46
C ARG B 255 -20.20 6.39 -25.00
#